data_6UJK
#
_entry.id   6UJK
#
_cell.length_a   76.880
_cell.length_b   124.070
_cell.length_c   95.620
_cell.angle_alpha   90.000
_cell.angle_beta   90.000
_cell.angle_gamma   90.000
#
_symmetry.space_group_name_H-M   'C 2 2 21'
#
loop_
_entity.id
_entity.type
_entity.pdbx_description
1 polymer 'Uncharacterized oxidoreductase Rv1144'
2 non-polymer NICOTINAMIDE-ADENINE-DINUCLEOTIDE
3 non-polymer 1,2-ETHANEDIOL
4 non-polymer 2-AMINO-2-HYDROXYMETHYL-PROPANE-1,3-DIOL
5 water water
#
_entity_poly.entity_id   1
_entity_poly.type   'polypeptide(L)'
_entity_poly.pdbx_seq_one_letter_code
;MAHHHHHHMKTKDAVAVVTGGASGLGLATTKRLLDAGAQVVVVDLRGDDVVGGLGDRARFAQADVTDEAAVSNALELADS
LGPVRVVVNCAGTGNAIRVLSRDGVFPLAAFRKIVDINLVGTFNVLRLGAERIAKTEPIGEERGVIINTASVAAFDGQIG
QAAYSASKGGVVGMTLPIARDLASKLIRVVTIAPGLFDTPLLASLPAEAKASLGQQVPHPSRLGNPDEYGALVLHIIENP
MLNGEVIRLDGAIRMAPR
;
_entity_poly.pdbx_strand_id   A,B
#
# COMPACT_ATOMS: atom_id res chain seq x y z
N HIS A 8 -3.96 16.04 -8.31
CA HIS A 8 -3.73 16.68 -7.01
C HIS A 8 -5.01 17.26 -6.42
N MET A 9 -6.15 16.63 -6.72
CA MET A 9 -7.44 17.21 -6.40
C MET A 9 -7.60 17.48 -4.91
N LYS A 10 -7.11 16.58 -4.06
CA LYS A 10 -7.27 16.71 -2.62
C LYS A 10 -6.13 17.45 -1.95
N THR A 11 -5.21 18.03 -2.71
CA THR A 11 -4.12 18.82 -2.13
C THR A 11 -4.12 20.27 -2.62
N LYS A 12 -4.02 20.51 -3.93
CA LYS A 12 -4.09 21.87 -4.44
C LYS A 12 -5.39 22.53 -4.00
N ASP A 13 -5.30 23.77 -3.48
CA ASP A 13 -6.43 24.53 -2.94
C ASP A 13 -7.03 23.91 -1.67
N ALA A 14 -6.35 22.96 -1.06
CA ALA A 14 -6.81 22.27 0.14
C ALA A 14 -5.76 22.41 1.22
N VAL A 15 -6.16 22.04 2.41
CA VAL A 15 -5.33 22.17 3.60
C VAL A 15 -5.10 20.78 4.17
N ALA A 16 -3.85 20.55 4.58
CA ALA A 16 -3.46 19.34 5.28
C ALA A 16 -2.99 19.71 6.68
N VAL A 17 -3.24 18.81 7.62
CA VAL A 17 -2.73 18.89 8.98
C VAL A 17 -1.81 17.71 9.20
N VAL A 18 -0.56 17.98 9.60
CA VAL A 18 0.42 16.91 9.83
C VAL A 18 0.90 17.00 11.28
N THR A 19 0.52 16.03 12.11
CA THR A 19 1.06 16.01 13.45
C THR A 19 2.46 15.42 13.42
N GLY A 20 3.31 15.90 14.32
CA GLY A 20 4.71 15.51 14.24
C GLY A 20 5.39 16.02 13.00
N GLY A 21 4.82 17.05 12.36
CA GLY A 21 5.24 17.49 11.04
C GLY A 21 6.53 18.26 10.99
N ALA A 22 7.22 18.47 12.11
CA ALA A 22 8.46 19.23 12.13
C ALA A 22 9.70 18.35 12.21
N SER A 23 9.55 17.02 12.22
CA SER A 23 10.70 16.13 12.29
C SER A 23 10.39 14.84 11.57
N GLY A 24 11.44 14.14 11.12
CA GLY A 24 11.27 12.74 10.77
C GLY A 24 10.27 12.49 9.67
N LEU A 25 9.43 11.48 9.88
CA LEU A 25 8.44 11.10 8.87
C LEU A 25 7.46 12.23 8.62
N GLY A 26 7.03 12.92 9.68
CA GLY A 26 6.10 14.01 9.50
C GLY A 26 6.68 15.16 8.69
N LEU A 27 7.94 15.50 8.93
CA LEU A 27 8.57 16.58 8.15
C LEU A 27 8.65 16.21 6.68
N ALA A 28 9.05 14.97 6.38
CA ALA A 28 9.11 14.55 4.98
C ALA A 28 7.73 14.59 4.34
N THR A 29 6.70 14.25 5.10
CA THR A 29 5.34 14.29 4.60
C THR A 29 4.91 15.73 4.34
N THR A 30 5.18 16.62 5.29
CA THR A 30 4.90 18.05 5.11
C THR A 30 5.52 18.55 3.81
N LYS A 31 6.80 18.23 3.58
CA LYS A 31 7.45 18.71 2.38
C LYS A 31 6.78 18.16 1.12
N ARG A 32 6.43 16.87 1.12
CA ARG A 32 5.75 16.28 -0.04
C ARG A 32 4.40 16.95 -0.28
N LEU A 33 3.65 17.22 0.79
CA LEU A 33 2.35 17.87 0.64
C LEU A 33 2.48 19.29 0.11
N LEU A 34 3.47 20.05 0.62
CA LEU A 34 3.70 21.40 0.10
C LEU A 34 4.07 21.33 -1.38
N ASP A 35 4.92 20.37 -1.75
CA ASP A 35 5.31 20.23 -3.15
C ASP A 35 4.12 19.88 -4.04
N ALA A 36 3.11 19.22 -3.49
CA ALA A 36 1.88 18.85 -4.20
C ALA A 36 0.83 19.96 -4.18
N GLY A 37 1.17 21.13 -3.64
CA GLY A 37 0.29 22.28 -3.71
C GLY A 37 -0.57 22.53 -2.49
N ALA A 38 -0.49 21.72 -1.45
CA ALA A 38 -1.34 21.96 -0.29
C ALA A 38 -0.77 23.08 0.56
N GLN A 39 -1.64 23.68 1.34
CA GLN A 39 -1.18 24.40 2.53
C GLN A 39 -1.13 23.39 3.66
N VAL A 40 -0.13 23.51 4.52
CA VAL A 40 0.07 22.52 5.59
C VAL A 40 0.16 23.24 6.93
N VAL A 41 -0.65 22.80 7.90
CA VAL A 41 -0.47 23.18 9.28
C VAL A 41 0.24 22.04 9.99
N VAL A 42 1.46 22.31 10.44
CA VAL A 42 2.23 21.37 11.25
C VAL A 42 1.81 21.51 12.69
N VAL A 43 1.41 20.40 13.31
CA VAL A 43 1.00 20.35 14.72
C VAL A 43 2.07 19.57 15.47
N ASP A 44 2.77 20.23 16.38
CA ASP A 44 3.89 19.56 17.04
C ASP A 44 4.13 20.29 18.36
N LEU A 45 4.88 19.61 19.23
CA LEU A 45 5.35 20.25 20.46
C LEU A 45 6.36 21.34 20.18
N ARG A 46 7.12 21.22 19.09
CA ARG A 46 8.21 22.13 18.78
C ARG A 46 8.54 22.00 17.30
N GLY A 47 9.35 22.92 16.79
CA GLY A 47 9.80 22.87 15.41
C GLY A 47 9.40 24.06 14.58
N ASP A 48 8.98 25.16 15.22
CA ASP A 48 8.58 26.34 14.44
C ASP A 48 9.69 26.87 13.55
N ASP A 49 10.95 26.78 13.98
CA ASP A 49 12.02 27.30 13.14
C ASP A 49 12.16 26.50 11.85
N VAL A 50 12.12 25.18 11.94
CA VAL A 50 12.16 24.32 10.76
C VAL A 50 10.99 24.66 9.84
N VAL A 51 9.79 24.73 10.39
CA VAL A 51 8.63 24.95 9.56
C VAL A 51 8.68 26.34 8.94
N GLY A 52 9.27 27.31 9.64
CA GLY A 52 9.42 28.65 9.10
C GLY A 52 10.32 28.73 7.88
N GLY A 53 11.14 27.71 7.64
CA GLY A 53 11.94 27.66 6.44
C GLY A 53 11.26 27.03 5.25
N LEU A 54 10.01 26.58 5.40
CA LEU A 54 9.31 25.85 4.35
C LEU A 54 8.39 26.72 3.48
N GLY A 55 8.36 28.03 3.71
CA GLY A 55 7.65 28.91 2.80
C GLY A 55 6.27 29.28 3.32
N ASP A 56 5.61 30.13 2.55
CA ASP A 56 4.41 30.77 3.06
C ASP A 56 3.16 29.92 2.98
N ARG A 57 3.25 28.69 2.46
CA ARG A 57 2.12 27.78 2.50
C ARG A 57 2.17 26.83 3.69
N ALA A 58 3.17 26.96 4.55
CA ALA A 58 3.29 26.16 5.76
C ALA A 58 3.03 27.06 6.97
N ARG A 59 2.38 26.49 7.98
CA ARG A 59 2.19 27.17 9.25
CA ARG A 59 2.14 27.15 9.25
C ARG A 59 2.49 26.18 10.36
N PHE A 60 2.85 26.71 11.52
CA PHE A 60 3.17 25.90 12.69
C PHE A 60 2.15 26.20 13.77
N ALA A 61 1.65 25.15 14.42
CA ALA A 61 0.79 25.26 15.59
C ALA A 61 1.40 24.42 16.71
N GLN A 62 1.71 25.07 17.83
CA GLN A 62 2.19 24.35 19.00
C GLN A 62 1.00 23.63 19.64
N ALA A 63 1.06 22.32 19.70
CA ALA A 63 0.01 21.58 20.37
C ALA A 63 0.52 20.19 20.70
N ASP A 64 0.16 19.76 21.89
CA ASP A 64 0.25 18.37 22.26
C ASP A 64 -0.99 17.66 21.71
N VAL A 65 -0.76 16.60 20.94
CA VAL A 65 -1.88 15.90 20.28
C VAL A 65 -2.84 15.29 21.30
N THR A 66 -2.43 15.14 22.55
CA THR A 66 -3.33 14.61 23.56
C THR A 66 -4.20 15.66 24.22
N ASP A 67 -4.10 16.94 23.80
CA ASP A 67 -4.79 18.08 24.40
C ASP A 67 -5.86 18.56 23.44
N GLU A 68 -7.14 18.32 23.76
CA GLU A 68 -8.16 18.66 22.78
CA GLU A 68 -8.24 18.67 22.86
C GLU A 68 -8.28 20.17 22.55
N ALA A 69 -8.09 21.02 23.58
CA ALA A 69 -8.21 22.45 23.32
C ALA A 69 -7.10 22.93 22.38
N ALA A 70 -5.88 22.43 22.57
CA ALA A 70 -4.77 22.88 21.73
C ALA A 70 -4.93 22.38 20.30
N VAL A 71 -5.40 21.13 20.14
CA VAL A 71 -5.65 20.61 18.79
C VAL A 71 -6.77 21.40 18.12
N SER A 72 -7.86 21.68 18.85
CA SER A 72 -8.94 22.45 18.25
C SER A 72 -8.48 23.82 17.81
N ASN A 73 -7.63 24.47 18.60
CA ASN A 73 -7.12 25.77 18.19
CA ASN A 73 -7.09 25.76 18.19
C ASN A 73 -6.27 25.64 16.91
N ALA A 74 -5.47 24.59 16.81
CA ALA A 74 -4.70 24.38 15.57
C ALA A 74 -5.63 24.18 14.38
N LEU A 75 -6.76 23.50 14.60
CA LEU A 75 -7.70 23.26 13.52
C LEU A 75 -8.46 24.50 13.10
N GLU A 76 -8.67 25.47 14.00
CA GLU A 76 -9.21 26.76 13.56
C GLU A 76 -8.26 27.42 12.58
N LEU A 77 -6.97 27.38 12.89
CA LEU A 77 -5.98 27.90 11.95
C LEU A 77 -6.07 27.15 10.62
N ALA A 78 -6.09 25.82 10.65
CA ALA A 78 -6.19 25.07 9.39
C ALA A 78 -7.43 25.46 8.59
N ASP A 79 -8.59 25.48 9.23
CA ASP A 79 -9.82 25.85 8.54
C ASP A 79 -9.74 27.26 7.95
N SER A 80 -9.07 28.18 8.65
CA SER A 80 -8.98 29.54 8.13
C SER A 80 -8.22 29.60 6.82
N LEU A 81 -7.37 28.62 6.54
CA LEU A 81 -6.59 28.62 5.32
C LEU A 81 -7.35 28.06 4.13
N GLY A 82 -8.36 27.22 4.34
CA GLY A 82 -9.07 26.58 3.27
C GLY A 82 -9.73 25.32 3.78
N PRO A 83 -10.43 24.60 2.92
CA PRO A 83 -11.06 23.33 3.32
CA PRO A 83 -11.07 23.34 3.34
C PRO A 83 -10.02 22.31 3.75
N VAL A 84 -10.21 21.73 4.93
CA VAL A 84 -9.31 20.70 5.42
C VAL A 84 -9.69 19.39 4.75
N ARG A 85 -8.72 18.77 4.06
CA ARG A 85 -9.01 17.52 3.36
C ARG A 85 -8.05 16.40 3.71
N VAL A 86 -6.95 16.66 4.40
CA VAL A 86 -5.95 15.65 4.70
C VAL A 86 -5.51 15.83 6.14
N VAL A 87 -5.51 14.74 6.91
CA VAL A 87 -4.91 14.73 8.25
C VAL A 87 -3.94 13.56 8.30
N VAL A 88 -2.71 13.82 8.73
CA VAL A 88 -1.68 12.80 8.84
C VAL A 88 -1.19 12.76 10.28
N ASN A 89 -1.33 11.62 10.93
CA ASN A 89 -0.87 11.44 12.31
C ASN A 89 0.52 10.84 12.31
N CYS A 90 1.54 11.66 12.51
CA CYS A 90 2.93 11.19 12.66
C CYS A 90 3.50 11.42 14.06
N ALA A 91 2.85 12.23 14.90
CA ALA A 91 3.38 12.46 16.23
C ALA A 91 3.45 11.16 17.01
N GLY A 92 4.54 10.93 17.73
CA GLY A 92 4.62 9.73 18.53
C GLY A 92 5.96 9.66 19.22
N THR A 93 6.08 8.68 20.09
CA THR A 93 7.30 8.43 20.83
C THR A 93 7.39 6.95 21.12
N GLY A 94 8.47 6.53 21.75
CA GLY A 94 8.61 5.13 22.07
C GLY A 94 9.27 4.97 23.43
N ASN A 95 9.31 3.71 23.88
CA ASN A 95 10.16 3.29 24.97
C ASN A 95 10.55 1.84 24.70
N ALA A 96 11.49 1.40 25.48
CA ALA A 96 12.02 0.05 25.39
C ALA A 96 12.28 -0.33 26.85
N ILE A 97 11.38 -1.11 27.43
CA ILE A 97 11.44 -1.47 28.85
C ILE A 97 11.00 -2.92 28.95
N ARG A 98 11.76 -3.75 29.68
CA ARG A 98 11.37 -5.14 29.91
C ARG A 98 10.15 -5.22 30.83
N VAL A 99 9.33 -6.25 30.64
CA VAL A 99 8.21 -6.45 31.56
C VAL A 99 8.70 -6.64 32.98
N LEU A 100 9.70 -7.50 33.17
CA LEU A 100 10.31 -7.78 34.47
C LEU A 100 11.79 -7.52 34.38
N SER A 101 12.34 -6.86 35.40
CA SER A 101 13.76 -6.62 35.47
C SER A 101 14.16 -6.60 36.93
N ARG A 102 15.46 -6.77 37.18
CA ARG A 102 15.93 -6.66 38.56
C ARG A 102 15.56 -5.31 39.15
N ASP A 103 15.50 -4.27 38.32
CA ASP A 103 15.13 -2.93 38.76
C ASP A 103 13.64 -2.76 39.05
N GLY A 104 12.80 -3.68 38.60
CA GLY A 104 11.38 -3.59 38.85
C GLY A 104 10.54 -3.96 37.66
N VAL A 105 9.25 -3.96 37.87
CA VAL A 105 8.28 -4.28 36.83
C VAL A 105 8.10 -3.04 35.94
N PHE A 106 7.84 -3.26 34.65
CA PHE A 106 7.53 -2.18 33.70
C PHE A 106 6.56 -1.22 34.38
N PRO A 107 6.91 0.08 34.54
CA PRO A 107 6.02 0.96 35.32
C PRO A 107 4.71 1.23 34.59
N LEU A 108 3.62 1.21 35.36
CA LEU A 108 2.31 1.46 34.79
C LEU A 108 2.24 2.82 34.11
N ALA A 109 2.84 3.85 34.71
CA ALA A 109 2.77 5.18 34.12
C ALA A 109 3.50 5.25 32.80
N ALA A 110 4.58 4.48 32.64
CA ALA A 110 5.29 4.47 31.37
C ALA A 110 4.44 3.83 30.28
N PHE A 111 3.72 2.76 30.60
CA PHE A 111 2.84 2.15 29.63
C PHE A 111 1.73 3.11 29.25
N ARG A 112 1.10 3.74 30.26
CA ARG A 112 0.03 4.69 29.99
C ARG A 112 0.50 5.84 29.11
N LYS A 113 1.71 6.35 29.35
CA LYS A 113 2.17 7.53 28.61
C LYS A 113 2.32 7.22 27.13
N ILE A 114 2.92 6.08 26.79
CA ILE A 114 3.12 5.70 25.39
C ILE A 114 1.79 5.46 24.71
N VAL A 115 0.87 4.80 25.40
CA VAL A 115 -0.47 4.59 24.85
C VAL A 115 -1.19 5.92 24.66
N ASP A 116 -1.06 6.82 25.63
CA ASP A 116 -1.72 8.11 25.51
C ASP A 116 -1.22 8.90 24.32
N ILE A 117 0.10 9.00 24.14
CA ILE A 117 0.60 9.81 23.04
C ILE A 117 0.31 9.16 21.70
N ASN A 118 0.64 7.87 21.57
CA ASN A 118 0.65 7.25 20.26
C ASN A 118 -0.74 6.83 19.81
N LEU A 119 -1.57 6.34 20.74
CA LEU A 119 -2.89 5.83 20.40
C LEU A 119 -3.96 6.89 20.67
N VAL A 120 -4.06 7.38 21.91
CA VAL A 120 -5.06 8.38 22.20
C VAL A 120 -4.81 9.66 21.42
N GLY A 121 -3.54 10.08 21.29
CA GLY A 121 -3.28 11.30 20.55
C GLY A 121 -3.67 11.19 19.09
N THR A 122 -3.39 10.03 18.48
CA THR A 122 -3.84 9.79 17.12
C THR A 122 -5.36 9.82 17.00
N PHE A 123 -6.06 9.19 17.93
CA PHE A 123 -7.51 9.26 17.87
C PHE A 123 -8.02 10.68 18.07
N ASN A 124 -7.36 11.45 18.94
CA ASN A 124 -7.83 12.80 19.23
C ASN A 124 -7.74 13.67 17.98
N VAL A 125 -6.61 13.59 17.29
CA VAL A 125 -6.48 14.40 16.08
C VAL A 125 -7.36 13.84 14.97
N LEU A 126 -7.47 12.52 14.88
CA LEU A 126 -8.36 11.94 13.88
C LEU A 126 -9.81 12.42 14.07
N ARG A 127 -10.32 12.38 15.31
CA ARG A 127 -11.75 12.66 15.50
C ARG A 127 -12.02 14.12 15.23
N LEU A 128 -11.13 15.02 15.71
CA LEU A 128 -11.33 16.45 15.53
C LEU A 128 -11.05 16.84 14.09
N GLY A 129 -10.05 16.22 13.46
CA GLY A 129 -9.79 16.47 12.06
C GLY A 129 -10.92 16.00 11.18
N ALA A 130 -11.47 14.81 11.49
CA ALA A 130 -12.61 14.30 10.72
C ALA A 130 -13.76 15.28 10.74
N GLU A 131 -14.03 15.91 11.89
CA GLU A 131 -15.10 16.90 11.97
C GLU A 131 -14.87 18.04 10.97
N ARG A 132 -13.61 18.50 10.85
CA ARG A 132 -13.31 19.58 9.91
C ARG A 132 -13.43 19.12 8.46
N ILE A 133 -13.02 17.88 8.14
CA ILE A 133 -13.16 17.38 6.78
C ILE A 133 -14.62 17.20 6.43
N ALA A 134 -15.42 16.71 7.38
CA ALA A 134 -16.80 16.34 7.10
C ALA A 134 -17.64 17.54 6.67
N LYS A 135 -17.27 18.75 7.09
CA LYS A 135 -18.08 19.91 6.73
C LYS A 135 -17.73 20.48 5.37
N THR A 136 -16.72 19.94 4.69
CA THR A 136 -16.33 20.46 3.39
C THR A 136 -17.31 19.98 2.32
N GLU A 137 -17.33 20.70 1.21
CA GLU A 137 -18.01 20.19 0.03
C GLU A 137 -17.21 19.06 -0.60
N PRO A 138 -17.84 17.98 -1.05
CA PRO A 138 -17.09 16.94 -1.75
C PRO A 138 -16.47 17.48 -3.02
N ILE A 139 -15.31 16.93 -3.37
CA ILE A 139 -14.73 17.11 -4.70
C ILE A 139 -14.93 15.77 -5.38
N GLY A 140 -15.84 15.74 -6.33
CA GLY A 140 -16.32 14.48 -6.85
C GLY A 140 -16.86 13.62 -5.72
N GLU A 141 -16.29 12.44 -5.59
CA GLU A 141 -16.80 11.46 -4.66
C GLU A 141 -16.12 11.50 -3.30
N GLU A 142 -15.24 12.47 -3.01
CA GLU A 142 -14.44 12.43 -1.79
C GLU A 142 -14.46 13.75 -1.05
N ARG A 143 -14.51 13.68 0.29
CA ARG A 143 -14.21 14.86 1.10
C ARG A 143 -12.74 14.90 1.52
N GLY A 144 -12.17 13.78 1.96
CA GLY A 144 -10.79 13.81 2.39
C GLY A 144 -10.31 12.46 2.87
N VAL A 145 -9.14 12.50 3.51
CA VAL A 145 -8.47 11.26 3.90
CA VAL A 145 -8.37 11.29 3.82
C VAL A 145 -7.64 11.52 5.14
N ILE A 146 -7.64 10.53 6.01
CA ILE A 146 -6.87 10.55 7.24
C ILE A 146 -5.90 9.37 7.19
N ILE A 147 -4.62 9.67 7.41
CA ILE A 147 -3.55 8.67 7.35
CA ILE A 147 -3.57 8.66 7.37
C ILE A 147 -2.88 8.60 8.72
N ASN A 148 -2.80 7.39 9.28
CA ASN A 148 -2.18 7.20 10.58
C ASN A 148 -0.86 6.44 10.44
N THR A 149 -0.01 6.60 11.45
CA THR A 149 1.27 5.90 11.50
C THR A 149 1.23 4.85 12.60
N ALA A 150 1.27 3.58 12.21
CA ALA A 150 1.45 2.48 13.16
C ALA A 150 2.95 2.17 13.19
N SER A 151 3.32 0.92 12.99
CA SER A 151 4.70 0.46 12.99
C SER A 151 4.63 -1.03 12.70
N VAL A 152 5.72 -1.58 12.16
CA VAL A 152 5.82 -3.03 12.12
C VAL A 152 5.77 -3.63 13.52
N ALA A 153 6.04 -2.83 14.57
CA ALA A 153 5.91 -3.34 15.93
C ALA A 153 4.48 -3.71 16.29
N ALA A 154 3.48 -3.27 15.50
CA ALA A 154 2.12 -3.74 15.74
C ALA A 154 1.99 -5.23 15.48
N PHE A 155 2.89 -5.79 14.68
CA PHE A 155 2.86 -7.19 14.25
C PHE A 155 4.06 -7.99 14.72
N ASP A 156 5.23 -7.35 14.84
CA ASP A 156 6.52 -7.99 15.04
C ASP A 156 7.15 -7.52 16.36
N GLY A 157 6.35 -7.18 17.38
CA GLY A 157 6.92 -6.50 18.53
C GLY A 157 8.08 -7.24 19.16
N GLN A 158 9.13 -6.51 19.48
CA GLN A 158 10.37 -7.07 20.02
C GLN A 158 10.33 -7.03 21.54
N ILE A 159 11.29 -7.74 22.15
CA ILE A 159 11.50 -7.62 23.58
C ILE A 159 11.66 -6.14 23.92
N GLY A 160 10.97 -5.68 24.96
CA GLY A 160 11.00 -4.28 25.36
C GLY A 160 9.89 -3.43 24.80
N GLN A 161 9.13 -3.94 23.83
CA GLN A 161 8.14 -3.15 23.11
C GLN A 161 6.71 -3.34 23.60
N ALA A 162 6.48 -3.80 24.83
CA ALA A 162 5.09 -4.02 25.24
C ALA A 162 4.20 -2.79 25.03
N ALA A 163 4.64 -1.61 25.52
CA ALA A 163 3.81 -0.42 25.39
C ALA A 163 3.77 0.09 23.96
N TYR A 164 4.93 0.09 23.29
CA TYR A 164 4.98 0.58 21.93
C TYR A 164 4.06 -0.25 21.03
N SER A 165 4.20 -1.57 21.11
CA SER A 165 3.35 -2.47 20.33
C SER A 165 1.89 -2.39 20.71
N ALA A 166 1.57 -2.24 22.01
CA ALA A 166 0.17 -2.03 22.39
C ALA A 166 -0.37 -0.80 21.69
N SER A 167 0.38 0.30 21.73
CA SER A 167 -0.14 1.54 21.17
C SER A 167 -0.33 1.41 19.67
N LYS A 168 0.63 0.78 18.98
CA LYS A 168 0.56 0.68 17.53
C LYS A 168 -0.44 -0.38 17.08
N GLY A 169 -0.58 -1.44 17.86
CA GLY A 169 -1.65 -2.39 17.61
C GLY A 169 -3.01 -1.76 17.75
N GLY A 170 -3.15 -0.80 18.67
CA GLY A 170 -4.41 -0.09 18.78
C GLY A 170 -4.70 0.75 17.55
N VAL A 171 -3.68 1.41 17.01
CA VAL A 171 -3.86 2.19 15.78
C VAL A 171 -4.30 1.27 14.65
N VAL A 172 -3.64 0.11 14.51
CA VAL A 172 -4.06 -0.85 13.50
C VAL A 172 -5.51 -1.29 13.73
N GLY A 173 -5.85 -1.69 14.96
CA GLY A 173 -7.16 -2.23 15.22
C GLY A 173 -8.29 -1.26 14.94
N MET A 174 -8.07 0.03 15.18
CA MET A 174 -9.16 0.98 14.97
C MET A 174 -9.28 1.45 13.51
N THR A 175 -8.35 1.07 12.63
CA THR A 175 -8.37 1.60 11.26
C THR A 175 -9.65 1.19 10.52
N LEU A 176 -9.98 -0.11 10.51
CA LEU A 176 -11.17 -0.55 9.81
C LEU A 176 -12.47 -0.01 10.40
N PRO A 177 -12.73 -0.08 11.73
CA PRO A 177 -14.02 0.47 12.21
C PRO A 177 -14.13 1.95 11.93
N ILE A 178 -13.04 2.72 12.02
CA ILE A 178 -13.14 4.13 11.73
C ILE A 178 -13.40 4.38 10.24
N ALA A 179 -12.73 3.65 9.35
CA ALA A 179 -13.05 3.75 7.94
C ALA A 179 -14.53 3.45 7.70
N ARG A 180 -15.04 2.39 8.31
CA ARG A 180 -16.46 2.05 8.15
C ARG A 180 -17.34 3.18 8.70
N ASP A 181 -16.97 3.75 9.83
CA ASP A 181 -17.73 4.78 10.52
C ASP A 181 -17.81 6.07 9.70
N LEU A 182 -16.72 6.45 9.03
CA LEU A 182 -16.64 7.69 8.27
C LEU A 182 -16.98 7.52 6.79
N ALA A 183 -17.29 6.29 6.36
CA ALA A 183 -17.52 6.03 4.95
C ALA A 183 -18.65 6.88 4.38
N SER A 184 -19.77 7.00 5.10
CA SER A 184 -20.89 7.72 4.49
C SER A 184 -20.59 9.20 4.36
N LYS A 185 -19.62 9.73 5.09
CA LYS A 185 -19.18 11.11 4.98
C LYS A 185 -18.03 11.30 3.99
N LEU A 186 -17.62 10.23 3.32
CA LEU A 186 -16.68 10.32 2.21
C LEU A 186 -15.26 10.67 2.68
N ILE A 187 -14.86 10.06 3.80
CA ILE A 187 -13.53 10.22 4.36
C ILE A 187 -12.88 8.85 4.45
N ARG A 188 -11.76 8.66 3.75
CA ARG A 188 -10.99 7.42 3.84
C ARG A 188 -10.04 7.48 5.03
N VAL A 189 -9.72 6.29 5.55
CA VAL A 189 -8.80 6.16 6.69
C VAL A 189 -7.85 5.00 6.39
N VAL A 190 -6.54 5.29 6.36
CA VAL A 190 -5.52 4.30 6.00
C VAL A 190 -4.39 4.45 6.99
N THR A 191 -3.71 3.34 7.28
CA THR A 191 -2.60 3.36 8.22
C THR A 191 -1.36 2.80 7.55
N ILE A 192 -0.22 3.47 7.74
CA ILE A 192 1.06 2.96 7.29
C ILE A 192 1.79 2.39 8.49
N ALA A 193 2.40 1.22 8.31
CA ALA A 193 3.22 0.58 9.34
C ALA A 193 4.68 0.62 8.90
N PRO A 194 5.43 1.65 9.27
CA PRO A 194 6.83 1.71 8.84
CA PRO A 194 6.83 1.72 8.83
C PRO A 194 7.70 0.70 9.55
N GLY A 195 8.73 0.25 8.83
CA GLY A 195 9.85 -0.46 9.40
C GLY A 195 10.88 0.53 9.87
N LEU A 196 12.13 0.26 9.62
CA LEU A 196 13.23 1.05 10.18
C LEU A 196 13.53 2.24 9.27
N PHE A 197 13.35 3.46 9.80
CA PHE A 197 13.60 4.69 9.05
C PHE A 197 14.65 5.53 9.74
N ASP A 198 15.41 6.24 8.93
CA ASP A 198 16.45 7.15 9.41
C ASP A 198 15.80 8.46 9.85
N THR A 199 15.42 8.53 11.11
CA THR A 199 14.82 9.75 11.67
C THR A 199 15.46 10.00 13.03
N PRO A 200 15.22 11.16 13.62
CA PRO A 200 15.68 11.41 14.99
C PRO A 200 15.16 10.42 16.02
N LEU A 201 14.13 9.63 15.70
CA LEU A 201 13.67 8.61 16.64
C LEU A 201 14.80 7.64 17.00
N LEU A 202 15.73 7.43 16.08
CA LEU A 202 16.88 6.55 16.30
C LEU A 202 18.09 7.31 16.82
N ALA A 203 17.89 8.47 17.41
CA ALA A 203 19.01 9.25 17.93
C ALA A 203 19.66 8.53 19.11
N ALA A 209 26.33 1.41 14.28
CA ALA A 209 25.21 0.67 14.85
C ALA A 209 23.90 0.95 14.10
N LYS A 210 23.75 2.19 13.60
CA LYS A 210 22.66 2.45 12.67
C LYS A 210 22.95 1.81 11.32
N ALA A 211 24.23 1.69 10.96
CA ALA A 211 24.60 1.02 9.72
C ALA A 211 24.30 -0.48 9.82
N SER A 212 24.68 -1.10 10.94
CA SER A 212 24.37 -2.52 11.11
C SER A 212 22.87 -2.75 11.22
N LEU A 213 22.12 -1.76 11.68
CA LEU A 213 20.67 -1.87 11.67
C LEU A 213 20.15 -2.04 10.24
N GLY A 214 20.64 -1.22 9.31
CA GLY A 214 20.15 -1.29 7.94
C GLY A 214 20.51 -2.58 7.25
N GLN A 215 21.59 -3.23 7.66
CA GLN A 215 21.99 -4.48 7.06
C GLN A 215 21.00 -5.59 7.33
N GLN A 216 20.19 -5.47 8.37
CA GLN A 216 19.19 -6.47 8.68
C GLN A 216 17.95 -6.36 7.80
N VAL A 217 17.80 -5.28 7.04
CA VAL A 217 16.64 -5.14 6.17
C VAL A 217 16.90 -5.92 4.89
N PRO A 218 16.00 -6.84 4.49
CA PRO A 218 16.29 -7.66 3.29
C PRO A 218 16.63 -6.85 2.06
N HIS A 219 15.74 -5.95 1.62
CA HIS A 219 16.02 -5.17 0.43
C HIS A 219 14.98 -4.06 0.35
N PRO A 220 15.38 -2.78 0.27
CA PRO A 220 16.78 -2.32 0.25
CA PRO A 220 16.75 -2.24 0.28
C PRO A 220 17.41 -2.45 1.63
N SER A 221 18.68 -2.85 1.64
CA SER A 221 19.39 -3.15 2.90
CA SER A 221 19.37 -3.15 2.91
CA SER A 221 19.37 -3.15 2.91
C SER A 221 19.96 -1.87 3.49
N ARG A 222 19.06 -1.02 3.97
CA ARG A 222 19.41 0.28 4.53
C ARG A 222 18.21 0.75 5.33
N LEU A 223 18.43 1.77 6.16
CA LEU A 223 17.30 2.46 6.77
C LEU A 223 16.47 3.16 5.70
N GLY A 224 15.16 3.21 5.93
CA GLY A 224 14.29 3.96 5.04
C GLY A 224 14.60 5.44 5.08
N ASN A 225 14.39 6.09 3.93
CA ASN A 225 14.46 7.54 3.84
C ASN A 225 13.08 8.10 4.15
N PRO A 226 12.95 9.06 5.07
CA PRO A 226 11.60 9.61 5.36
C PRO A 226 10.82 10.04 4.13
N ASP A 227 11.49 10.48 3.06
CA ASP A 227 10.77 10.85 1.84
C ASP A 227 9.98 9.68 1.24
N GLU A 228 10.40 8.43 1.47
CA GLU A 228 9.67 7.26 0.97
C GLU A 228 8.35 7.07 1.71
N TYR A 229 8.33 7.41 3.02
CA TYR A 229 7.09 7.46 3.76
C TYR A 229 6.19 8.56 3.20
N GLY A 230 6.74 9.76 3.01
CA GLY A 230 5.94 10.85 2.46
C GLY A 230 5.36 10.50 1.10
N ALA A 231 6.15 9.78 0.27
CA ALA A 231 5.66 9.39 -1.04
C ALA A 231 4.45 8.47 -0.92
N LEU A 232 4.48 7.52 0.03
CA LEU A 232 3.34 6.64 0.21
C LEU A 232 2.11 7.41 0.71
N VAL A 233 2.31 8.37 1.62
CA VAL A 233 1.20 9.22 2.04
C VAL A 233 0.54 9.86 0.83
N LEU A 234 1.34 10.45 -0.05
CA LEU A 234 0.77 11.11 -1.22
C LEU A 234 0.06 10.13 -2.14
N HIS A 235 0.59 8.91 -2.30
CA HIS A 235 -0.11 7.94 -3.12
C HIS A 235 -1.47 7.58 -2.52
N ILE A 236 -1.54 7.38 -1.19
CA ILE A 236 -2.81 7.12 -0.54
C ILE A 236 -3.78 8.24 -0.83
N ILE A 237 -3.32 9.49 -0.71
CA ILE A 237 -4.23 10.60 -0.98
C ILE A 237 -4.76 10.53 -2.40
N GLU A 238 -3.89 10.19 -3.36
CA GLU A 238 -4.24 10.18 -4.77
C GLU A 238 -4.95 8.93 -5.26
N ASN A 239 -5.03 7.87 -4.46
CA ASN A 239 -5.62 6.60 -4.92
C ASN A 239 -6.94 6.38 -4.19
N PRO A 240 -8.09 6.64 -4.82
CA PRO A 240 -9.37 6.59 -4.10
C PRO A 240 -9.71 5.22 -3.57
N MET A 241 -9.11 4.13 -4.07
CA MET A 241 -9.52 2.81 -3.62
C MET A 241 -8.79 2.33 -2.37
N LEU A 242 -7.76 3.05 -1.90
CA LEU A 242 -7.09 2.62 -0.68
C LEU A 242 -7.88 3.09 0.55
N ASN A 243 -8.41 2.15 1.33
CA ASN A 243 -9.23 2.53 2.47
C ASN A 243 -9.31 1.36 3.44
N GLY A 244 -9.25 1.66 4.74
CA GLY A 244 -9.46 0.64 5.75
C GLY A 244 -8.36 -0.37 5.85
N GLU A 245 -7.17 -0.05 5.35
CA GLU A 245 -6.06 -0.98 5.22
C GLU A 245 -4.84 -0.44 5.96
N VAL A 246 -3.98 -1.38 6.33
CA VAL A 246 -2.66 -1.10 6.90
C VAL A 246 -1.62 -1.56 5.90
N ILE A 247 -0.66 -0.70 5.59
CA ILE A 247 0.38 -1.00 4.61
C ILE A 247 1.74 -1.02 5.32
N ARG A 248 2.43 -2.17 5.30
CA ARG A 248 3.79 -2.24 5.80
C ARG A 248 4.75 -1.60 4.78
N LEU A 249 5.64 -0.73 5.28
CA LEU A 249 6.60 0.00 4.44
C LEU A 249 7.95 -0.27 5.10
N ASP A 250 8.63 -1.36 4.69
CA ASP A 250 9.62 -1.96 5.56
C ASP A 250 10.72 -2.77 4.89
N GLY A 251 10.86 -2.74 3.57
CA GLY A 251 11.96 -3.48 2.97
C GLY A 251 11.91 -4.98 3.19
N ALA A 252 10.72 -5.50 3.49
CA ALA A 252 10.45 -6.91 3.74
C ALA A 252 11.00 -7.40 5.08
N ILE A 253 11.43 -6.51 5.98
CA ILE A 253 11.94 -6.97 7.27
C ILE A 253 10.82 -7.61 8.08
N ARG A 254 11.20 -8.55 8.94
CA ARG A 254 10.33 -9.01 10.03
C ARG A 254 11.17 -8.92 11.30
N MET A 255 10.71 -8.18 12.30
CA MET A 255 11.57 -7.90 13.46
C MET A 255 11.68 -9.12 14.36
N ALA A 256 12.91 -9.51 14.65
CA ALA A 256 13.21 -10.64 15.52
C ALA A 256 13.04 -10.23 16.98
N PRO A 257 13.11 -11.18 17.92
CA PRO A 257 12.93 -10.79 19.33
C PRO A 257 13.89 -9.72 19.80
N ARG A 258 15.12 -9.77 19.33
CA ARG A 258 16.12 -8.76 19.65
C ARG A 258 16.72 -8.13 18.40
N THR B 11 11.16 4.29 -14.72
CA THR B 11 10.27 3.57 -15.64
C THR B 11 10.72 3.73 -17.09
N LYS B 12 11.20 4.93 -17.45
CA LYS B 12 11.70 5.15 -18.80
C LYS B 12 12.93 4.28 -19.07
N ASP B 13 13.07 3.87 -20.33
CA ASP B 13 14.16 3.00 -20.79
C ASP B 13 14.02 1.54 -20.33
N ALA B 14 13.25 1.28 -19.30
CA ALA B 14 13.11 -0.08 -18.79
C ALA B 14 12.06 -0.84 -19.59
N VAL B 15 12.13 -2.16 -19.52
CA VAL B 15 11.14 -3.05 -20.13
C VAL B 15 10.31 -3.69 -19.03
N ALA B 16 9.00 -3.70 -19.23
CA ALA B 16 8.07 -4.36 -18.34
C ALA B 16 7.35 -5.49 -19.08
N VAL B 17 6.98 -6.51 -18.33
CA VAL B 17 6.18 -7.62 -18.83
C VAL B 17 4.90 -7.66 -18.00
N VAL B 18 3.74 -7.62 -18.66
CA VAL B 18 2.46 -7.64 -17.94
C VAL B 18 1.64 -8.84 -18.44
N THR B 19 1.42 -9.83 -17.57
CA THR B 19 0.54 -10.91 -17.95
C THR B 19 -0.91 -10.48 -17.76
N GLY B 20 -1.79 -11.03 -18.59
CA GLY B 20 -3.15 -10.56 -18.59
C GLY B 20 -3.28 -9.14 -19.08
N GLY B 21 -2.28 -8.64 -19.80
CA GLY B 21 -2.22 -7.24 -20.12
C GLY B 21 -3.15 -6.76 -21.20
N ALA B 22 -3.94 -7.66 -21.80
CA ALA B 22 -4.87 -7.25 -22.84
C ALA B 22 -6.25 -6.93 -22.33
N SER B 23 -6.50 -7.02 -21.02
CA SER B 23 -7.83 -6.79 -20.48
C SER B 23 -7.71 -6.28 -19.05
N GLY B 24 -8.76 -5.59 -18.59
CA GLY B 24 -8.94 -5.42 -17.16
C GLY B 24 -7.79 -4.74 -16.45
N LEU B 25 -7.39 -5.33 -15.31
CA LEU B 25 -6.34 -4.74 -14.50
C LEU B 25 -5.01 -4.70 -15.25
N GLY B 26 -4.71 -5.78 -15.97
CA GLY B 26 -3.46 -5.80 -16.71
C GLY B 26 -3.40 -4.76 -17.81
N LEU B 27 -4.51 -4.55 -18.52
CA LEU B 27 -4.53 -3.52 -19.55
C LEU B 27 -4.33 -2.13 -18.96
N ALA B 28 -4.99 -1.83 -17.84
CA ALA B 28 -4.82 -0.53 -17.23
C ALA B 28 -3.39 -0.33 -16.76
N THR B 29 -2.77 -1.41 -16.29
CA THR B 29 -1.37 -1.36 -15.85
C THR B 29 -0.45 -1.11 -17.04
N THR B 30 -0.69 -1.83 -18.14
CA THR B 30 0.08 -1.62 -19.35
C THR B 30 0.02 -0.17 -19.79
N LYS B 31 -1.18 0.41 -19.80
CA LYS B 31 -1.31 1.80 -20.22
C LYS B 31 -0.55 2.75 -19.30
N ARG B 32 -0.63 2.53 -17.98
CA ARG B 32 0.11 3.36 -17.04
C ARG B 32 1.61 3.26 -17.27
N LEU B 33 2.10 2.03 -17.49
CA LEU B 33 3.53 1.84 -17.73
C LEU B 33 3.97 2.49 -19.03
N LEU B 34 3.18 2.36 -20.09
CA LEU B 34 3.51 3.03 -21.34
C LEU B 34 3.55 4.55 -21.15
N ASP B 35 2.59 5.09 -20.42
CA ASP B 35 2.58 6.52 -20.14
C ASP B 35 3.81 6.96 -19.35
N ALA B 36 4.31 6.10 -18.47
CA ALA B 36 5.52 6.37 -17.71
C ALA B 36 6.80 6.18 -18.52
N GLY B 37 6.68 5.78 -19.78
CA GLY B 37 7.81 5.71 -20.67
C GLY B 37 8.39 4.33 -20.90
N ALA B 38 7.84 3.30 -20.27
CA ALA B 38 8.39 1.96 -20.40
C ALA B 38 7.99 1.35 -21.75
N GLN B 39 8.78 0.37 -22.19
CA GLN B 39 8.30 -0.55 -23.20
C GLN B 39 7.62 -1.70 -22.48
N VAL B 40 6.52 -2.20 -23.03
CA VAL B 40 5.74 -3.25 -22.36
C VAL B 40 5.51 -4.41 -23.30
N VAL B 41 5.84 -5.61 -22.85
CA VAL B 41 5.40 -6.85 -23.49
C VAL B 41 4.19 -7.38 -22.74
N VAL B 42 3.06 -7.41 -23.43
CA VAL B 42 1.82 -7.98 -22.91
C VAL B 42 1.81 -9.46 -23.20
N VAL B 43 1.61 -10.27 -22.16
CA VAL B 43 1.56 -11.71 -22.27
C VAL B 43 0.12 -12.12 -21.97
N ASP B 44 -0.55 -12.74 -22.94
CA ASP B 44 -1.95 -13.06 -22.76
C ASP B 44 -2.31 -14.18 -23.72
N LEU B 45 -3.43 -14.84 -23.43
CA LEU B 45 -4.00 -15.82 -24.35
C LEU B 45 -4.51 -15.18 -25.63
N ARG B 46 -4.95 -13.93 -25.56
CA ARG B 46 -5.52 -13.24 -26.71
C ARG B 46 -5.40 -11.74 -26.48
N GLY B 47 -5.75 -10.97 -27.50
CA GLY B 47 -5.74 -9.53 -27.43
C GLY B 47 -4.73 -8.85 -28.32
N ASP B 48 -4.26 -9.52 -29.37
CA ASP B 48 -3.35 -8.88 -30.33
C ASP B 48 -3.91 -7.55 -30.83
N ASP B 49 -5.21 -7.50 -31.11
CA ASP B 49 -5.84 -6.28 -31.62
C ASP B 49 -5.82 -5.16 -30.59
N VAL B 50 -6.16 -5.48 -29.35
CA VAL B 50 -6.13 -4.47 -28.28
C VAL B 50 -4.73 -3.89 -28.14
N VAL B 51 -3.73 -4.78 -28.07
CA VAL B 51 -2.37 -4.29 -27.83
C VAL B 51 -1.84 -3.56 -29.04
N GLY B 52 -2.28 -3.94 -30.25
CA GLY B 52 -1.86 -3.22 -31.44
C GLY B 52 -2.26 -1.76 -31.45
N GLY B 53 -3.33 -1.41 -30.74
CA GLY B 53 -3.73 -0.03 -30.61
C GLY B 53 -2.97 0.81 -29.61
N LEU B 54 -2.03 0.22 -28.90
CA LEU B 54 -1.27 0.92 -27.86
C LEU B 54 0.05 1.50 -28.36
N GLY B 55 0.37 1.34 -29.63
CA GLY B 55 1.54 2.02 -30.16
C GLY B 55 2.82 1.20 -30.12
N ASP B 56 3.88 1.84 -30.60
CA ASP B 56 5.13 1.16 -30.91
C ASP B 56 5.87 0.65 -29.70
N ARG B 57 5.59 1.17 -28.51
CA ARG B 57 6.33 0.73 -27.33
C ARG B 57 5.66 -0.43 -26.63
N ALA B 58 4.55 -0.93 -27.17
CA ALA B 58 3.87 -2.11 -26.66
C ALA B 58 4.03 -3.23 -27.66
N ARG B 59 4.26 -4.45 -27.15
CA ARG B 59 4.31 -5.64 -27.99
C ARG B 59 3.40 -6.68 -27.39
N PHE B 60 2.88 -7.58 -28.22
CA PHE B 60 2.03 -8.67 -27.76
C PHE B 60 2.76 -10.00 -27.93
N ALA B 61 2.75 -10.83 -26.89
CA ALA B 61 3.29 -12.17 -26.92
C ALA B 61 2.18 -13.12 -26.47
N GLN B 62 1.74 -13.97 -27.38
CA GLN B 62 0.71 -14.94 -27.05
C GLN B 62 1.31 -16.03 -26.19
N ALA B 63 0.71 -16.28 -25.03
CA ALA B 63 1.20 -17.32 -24.16
C ALA B 63 0.16 -17.62 -23.10
N ASP B 64 0.02 -18.90 -22.78
CA ASP B 64 -0.59 -19.32 -21.54
C ASP B 64 0.48 -19.26 -20.46
N VAL B 65 0.17 -18.57 -19.35
CA VAL B 65 1.17 -18.39 -18.30
C VAL B 65 1.60 -19.70 -17.66
N THR B 66 0.84 -20.77 -17.85
CA THR B 66 1.24 -22.08 -17.34
C THR B 66 2.19 -22.82 -18.28
N ASP B 67 2.54 -22.24 -19.43
CA ASP B 67 3.36 -22.87 -20.48
C ASP B 67 4.74 -22.25 -20.43
N GLU B 68 5.73 -23.01 -19.93
CA GLU B 68 7.01 -22.35 -19.74
CA GLU B 68 7.10 -22.53 -19.75
C GLU B 68 7.71 -22.02 -21.06
N ALA B 69 7.54 -22.80 -22.13
CA ALA B 69 8.16 -22.40 -23.38
C ALA B 69 7.57 -21.10 -23.91
N ALA B 70 6.24 -20.96 -23.85
CA ALA B 70 5.62 -19.75 -24.38
C ALA B 70 6.00 -18.54 -23.54
N VAL B 71 6.04 -18.69 -22.21
CA VAL B 71 6.47 -17.58 -21.35
C VAL B 71 7.93 -17.21 -21.64
N SER B 72 8.79 -18.21 -21.83
CA SER B 72 10.18 -17.91 -22.15
C SER B 72 10.31 -17.16 -23.47
N ASN B 73 9.50 -17.53 -24.45
CA ASN B 73 9.55 -16.81 -25.72
C ASN B 73 9.14 -15.36 -25.53
N ALA B 74 8.14 -15.10 -24.68
CA ALA B 74 7.74 -13.73 -24.39
C ALA B 74 8.88 -12.97 -23.71
N LEU B 75 9.59 -13.62 -22.81
CA LEU B 75 10.68 -12.95 -22.11
C LEU B 75 11.88 -12.73 -23.03
N GLU B 76 12.08 -13.60 -24.02
CA GLU B 76 13.10 -13.35 -25.03
C GLU B 76 12.78 -12.07 -25.80
N LEU B 77 11.52 -11.88 -26.17
CA LEU B 77 11.13 -10.65 -26.84
C LEU B 77 11.40 -9.45 -25.93
N ALA B 78 10.97 -9.54 -24.67
CA ALA B 78 11.19 -8.45 -23.72
C ALA B 78 12.67 -8.11 -23.59
N ASP B 79 13.52 -9.13 -23.40
CA ASP B 79 14.95 -8.90 -23.27
CA ASP B 79 14.96 -8.93 -23.29
C ASP B 79 15.53 -8.21 -24.50
N SER B 80 14.97 -8.46 -25.68
CA SER B 80 15.49 -7.87 -26.90
C SER B 80 15.21 -6.37 -26.99
N LEU B 81 14.30 -5.87 -26.16
CA LEU B 81 13.96 -4.47 -26.18
C LEU B 81 14.82 -3.65 -25.24
N GLY B 82 15.45 -4.29 -24.25
CA GLY B 82 16.18 -3.60 -23.21
C GLY B 82 16.20 -4.41 -21.93
N PRO B 83 16.67 -3.80 -20.85
CA PRO B 83 16.74 -4.52 -19.56
C PRO B 83 15.35 -4.71 -18.99
N VAL B 84 15.02 -5.95 -18.65
CA VAL B 84 13.74 -6.25 -18.04
C VAL B 84 13.83 -5.90 -16.58
N ARG B 85 12.97 -4.99 -16.12
CA ARG B 85 13.01 -4.54 -14.74
C ARG B 85 11.68 -4.66 -14.01
N VAL B 86 10.58 -4.92 -14.70
CA VAL B 86 9.26 -4.96 -14.08
C VAL B 86 8.53 -6.16 -14.63
N VAL B 87 7.97 -6.98 -13.75
CA VAL B 87 7.06 -8.06 -14.15
C VAL B 87 5.80 -7.91 -13.32
N VAL B 88 4.64 -7.89 -13.98
CA VAL B 88 3.35 -7.79 -13.31
C VAL B 88 2.50 -8.99 -13.69
N ASN B 89 2.05 -9.75 -12.69
CA ASN B 89 1.20 -10.92 -12.91
C ASN B 89 -0.25 -10.53 -12.69
N CYS B 90 -0.99 -10.30 -13.79
CA CYS B 90 -2.43 -10.05 -13.73
C CYS B 90 -3.25 -11.17 -14.35
N ALA B 91 -2.65 -12.09 -15.12
CA ALA B 91 -3.45 -13.16 -15.73
C ALA B 91 -4.11 -14.01 -14.65
N GLY B 92 -5.37 -14.33 -14.84
CA GLY B 92 -6.03 -15.19 -13.87
C GLY B 92 -7.44 -15.44 -14.30
N THR B 93 -8.09 -16.32 -13.55
CA THR B 93 -9.47 -16.66 -13.84
C THR B 93 -10.17 -16.90 -12.51
N GLY B 94 -11.49 -16.78 -12.55
CA GLY B 94 -12.30 -16.98 -11.38
C GLY B 94 -13.05 -18.29 -11.42
N ASN B 95 -13.56 -18.80 -10.30
N ASN B 95 -13.88 -18.44 -10.40
CA ASN B 95 -14.60 -19.84 -10.36
CA ASN B 95 -14.45 -19.74 -10.14
C ASN B 95 -15.37 -19.87 -9.06
C ASN B 95 -15.48 -19.61 -9.03
N ALA B 96 -16.62 -20.34 -9.16
CA ALA B 96 -17.59 -20.34 -8.07
C ALA B 96 -18.29 -21.69 -8.10
N ILE B 97 -17.89 -22.58 -7.21
CA ILE B 97 -18.44 -23.94 -7.15
C ILE B 97 -18.55 -24.29 -5.68
N ARG B 98 -19.69 -24.82 -5.23
CA ARG B 98 -19.83 -25.23 -3.83
C ARG B 98 -19.06 -26.53 -3.59
N VAL B 99 -18.59 -26.73 -2.36
CA VAL B 99 -17.92 -27.99 -2.04
C VAL B 99 -18.84 -29.18 -2.28
N LEU B 100 -20.08 -29.08 -1.81
CA LEU B 100 -21.10 -30.10 -1.99
C LEU B 100 -22.34 -29.44 -2.59
N SER B 101 -22.93 -30.08 -3.60
CA SER B 101 -24.18 -29.57 -4.16
C SER B 101 -24.97 -30.74 -4.73
N ARG B 102 -26.15 -30.45 -5.29
CA ARG B 102 -27.00 -31.50 -5.78
C ARG B 102 -26.28 -32.41 -6.76
N ASP B 103 -25.50 -31.82 -7.67
CA ASP B 103 -24.87 -32.61 -8.72
C ASP B 103 -23.54 -33.24 -8.30
N GLY B 104 -23.09 -33.05 -7.07
CA GLY B 104 -21.98 -33.80 -6.54
C GLY B 104 -20.97 -32.89 -5.85
N VAL B 105 -19.77 -33.41 -5.76
CA VAL B 105 -18.67 -32.77 -5.04
CA VAL B 105 -18.70 -32.75 -5.04
C VAL B 105 -17.87 -31.90 -6.00
N PHE B 106 -17.36 -30.78 -5.51
CA PHE B 106 -16.49 -29.87 -6.25
C PHE B 106 -15.45 -30.73 -7.00
N PRO B 107 -15.40 -30.69 -8.33
CA PRO B 107 -14.49 -31.61 -9.02
C PRO B 107 -13.03 -31.27 -8.76
N LEU B 108 -12.23 -32.32 -8.56
CA LEU B 108 -10.82 -32.09 -8.31
C LEU B 108 -10.15 -31.37 -9.47
N ALA B 109 -10.54 -31.70 -10.71
CA ALA B 109 -9.92 -31.07 -11.86
C ALA B 109 -10.23 -29.58 -11.90
N ALA B 110 -11.41 -29.17 -11.45
CA ALA B 110 -11.75 -27.74 -11.43
C ALA B 110 -10.88 -27.02 -10.42
N PHE B 111 -10.64 -27.63 -9.25
CA PHE B 111 -9.77 -27.03 -8.24
C PHE B 111 -8.35 -26.91 -8.79
N ARG B 112 -7.86 -27.99 -9.39
CA ARG B 112 -6.52 -27.97 -9.97
C ARG B 112 -6.37 -26.89 -11.02
N LYS B 113 -7.39 -26.72 -11.87
CA LYS B 113 -7.26 -25.77 -12.97
C LYS B 113 -7.09 -24.34 -12.46
N ILE B 114 -7.88 -23.95 -11.47
CA ILE B 114 -7.79 -22.59 -10.94
C ILE B 114 -6.47 -22.39 -10.22
N VAL B 115 -6.03 -23.38 -9.44
CA VAL B 115 -4.73 -23.30 -8.80
C VAL B 115 -3.62 -23.23 -9.84
N ASP B 116 -3.73 -24.02 -10.92
CA ASP B 116 -2.68 -23.99 -11.93
C ASP B 116 -2.58 -22.62 -12.60
N ILE B 117 -3.70 -22.03 -12.99
CA ILE B 117 -3.63 -20.75 -13.69
C ILE B 117 -3.19 -19.64 -12.75
N ASN B 118 -3.86 -19.53 -11.61
CA ASN B 118 -3.69 -18.36 -10.76
C ASN B 118 -2.43 -18.43 -9.92
N LEU B 119 -2.08 -19.59 -9.41
CA LEU B 119 -0.94 -19.75 -8.51
C LEU B 119 0.29 -20.25 -9.27
N VAL B 120 0.18 -21.40 -9.94
CA VAL B 120 1.32 -21.92 -10.66
C VAL B 120 1.71 -20.99 -11.80
N GLY B 121 0.73 -20.41 -12.50
CA GLY B 121 1.07 -19.52 -13.60
C GLY B 121 1.79 -18.27 -13.13
N THR B 122 1.36 -17.73 -11.99
CA THR B 122 2.04 -16.59 -11.40
C THR B 122 3.46 -16.95 -11.01
N PHE B 123 3.65 -18.11 -10.37
CA PHE B 123 5.01 -18.52 -10.03
C PHE B 123 5.86 -18.73 -11.28
N ASN B 124 5.26 -19.28 -12.35
CA ASN B 124 6.01 -19.54 -13.56
C ASN B 124 6.55 -18.25 -14.16
N VAL B 125 5.70 -17.24 -14.27
CA VAL B 125 6.14 -15.98 -14.83
C VAL B 125 7.11 -15.28 -13.88
N LEU B 126 6.82 -15.34 -12.58
CA LEU B 126 7.73 -14.75 -11.60
C LEU B 126 9.13 -15.35 -11.69
N ARG B 127 9.24 -16.69 -11.75
CA ARG B 127 10.56 -17.30 -11.69
C ARG B 127 11.34 -16.99 -12.96
N LEU B 128 10.68 -17.09 -14.13
CA LEU B 128 11.35 -16.82 -15.39
C LEU B 128 11.64 -15.34 -15.55
N GLY B 129 10.73 -14.49 -15.07
CA GLY B 129 10.99 -13.06 -15.09
C GLY B 129 12.14 -12.67 -14.18
N ALA B 130 12.18 -13.25 -12.97
CA ALA B 130 13.27 -12.97 -12.05
C ALA B 130 14.62 -13.34 -12.67
N GLU B 131 14.67 -14.45 -13.40
CA GLU B 131 15.91 -14.84 -14.08
C GLU B 131 16.39 -13.74 -15.03
N ARG B 132 15.47 -13.10 -15.77
CA ARG B 132 15.85 -12.01 -16.67
C ARG B 132 16.24 -10.75 -15.90
N ILE B 133 15.48 -10.39 -14.86
CA ILE B 133 15.80 -9.19 -14.09
C ILE B 133 17.18 -9.34 -13.44
N ALA B 134 17.47 -10.54 -12.95
CA ALA B 134 18.71 -10.75 -12.21
C ALA B 134 19.94 -10.51 -13.08
N LYS B 135 19.81 -10.64 -14.41
CA LYS B 135 20.94 -10.47 -15.32
C LYS B 135 21.24 -9.01 -15.61
N THR B 136 20.34 -8.10 -15.25
CA THR B 136 20.56 -6.69 -15.54
C THR B 136 21.61 -6.10 -14.59
N GLU B 137 22.14 -4.97 -14.98
CA GLU B 137 22.95 -4.20 -14.04
C GLU B 137 22.03 -3.41 -13.12
N PRO B 138 22.38 -3.28 -11.84
CA PRO B 138 21.57 -2.45 -10.95
C PRO B 138 21.58 -1.01 -11.41
N ILE B 139 20.45 -0.33 -11.23
CA ILE B 139 20.38 1.11 -11.36
C ILE B 139 20.26 1.60 -9.93
N GLY B 140 21.33 2.23 -9.46
CA GLY B 140 21.49 2.50 -8.05
C GLY B 140 21.40 1.19 -7.29
N GLU B 141 20.43 1.14 -6.41
CA GLU B 141 20.34 0.03 -5.48
C GLU B 141 19.36 -1.06 -5.92
N GLU B 142 18.82 -1.01 -7.14
CA GLU B 142 17.74 -1.91 -7.54
C GLU B 142 17.99 -2.52 -8.90
N ARG B 143 17.66 -3.79 -9.06
CA ARG B 143 17.54 -4.37 -10.40
C ARG B 143 16.10 -4.31 -10.92
N GLY B 144 15.11 -4.60 -10.08
CA GLY B 144 13.76 -4.58 -10.59
C GLY B 144 12.76 -4.98 -9.53
N VAL B 145 11.52 -5.21 -9.98
CA VAL B 145 10.42 -5.47 -9.08
CA VAL B 145 10.35 -5.38 -9.11
C VAL B 145 9.40 -6.35 -9.79
N ILE B 146 8.84 -7.28 -9.01
CA ILE B 146 7.81 -8.18 -9.48
C ILE B 146 6.57 -7.95 -8.64
N ILE B 147 5.44 -7.70 -9.30
CA ILE B 147 4.18 -7.39 -8.64
CA ILE B 147 4.18 -7.41 -8.63
C ILE B 147 3.17 -8.47 -9.01
N ASN B 148 2.54 -9.09 -8.00
CA ASN B 148 1.55 -10.12 -8.21
C ASN B 148 0.18 -9.64 -7.82
N THR B 149 -0.84 -10.30 -8.37
CA THR B 149 -2.22 -10.01 -8.05
C THR B 149 -2.82 -11.17 -7.27
N ALA B 150 -3.18 -10.90 -6.02
CA ALA B 150 -3.95 -11.85 -5.23
C ALA B 150 -5.42 -11.45 -5.32
N SER B 151 -6.12 -11.27 -4.22
CA SER B 151 -7.50 -10.86 -4.18
C SER B 151 -7.83 -10.74 -2.70
N VAL B 152 -8.82 -9.93 -2.37
CA VAL B 152 -9.36 -9.99 -1.02
C VAL B 152 -9.88 -11.40 -0.70
N ALA B 153 -10.17 -12.24 -1.72
CA ALA B 153 -10.59 -13.61 -1.46
C ALA B 153 -9.51 -14.44 -0.77
N ALA B 154 -8.25 -13.99 -0.78
CA ALA B 154 -7.23 -14.67 0.00
C ALA B 154 -7.50 -14.60 1.49
N PHE B 155 -8.28 -13.62 1.92
CA PHE B 155 -8.58 -13.34 3.32
C PHE B 155 -10.05 -13.49 3.65
N ASP B 156 -10.93 -13.18 2.72
CA ASP B 156 -12.37 -13.01 2.92
C ASP B 156 -13.16 -14.01 2.06
N GLY B 157 -12.62 -15.19 1.78
CA GLY B 157 -13.22 -16.03 0.76
C GLY B 157 -14.69 -16.34 1.05
N GLN B 158 -15.51 -16.25 0.02
CA GLN B 158 -16.95 -16.44 0.10
C GLN B 158 -17.32 -17.89 -0.20
N ILE B 159 -18.57 -18.23 0.11
CA ILE B 159 -19.11 -19.50 -0.37
C ILE B 159 -18.87 -19.62 -1.86
N GLY B 160 -18.39 -20.78 -2.31
CA GLY B 160 -18.09 -21.02 -3.70
C GLY B 160 -16.64 -20.76 -4.09
N GLN B 161 -15.87 -20.13 -3.21
CA GLN B 161 -14.52 -19.69 -3.56
C GLN B 161 -13.40 -20.62 -3.06
N ALA B 162 -13.67 -21.89 -2.76
CA ALA B 162 -12.60 -22.74 -2.25
C ALA B 162 -11.35 -22.71 -3.13
N ALA B 163 -11.51 -22.92 -4.45
CA ALA B 163 -10.34 -22.95 -5.32
C ALA B 163 -9.76 -21.56 -5.55
N TYR B 164 -10.64 -20.57 -5.74
CA TYR B 164 -10.15 -19.22 -5.99
C TYR B 164 -9.35 -18.73 -4.78
N SER B 165 -9.90 -18.88 -3.58
CA SER B 165 -9.20 -18.49 -2.36
C SER B 165 -7.94 -19.30 -2.12
N ALA B 166 -7.96 -20.60 -2.41
CA ALA B 166 -6.74 -21.39 -2.28
C ALA B 166 -5.66 -20.81 -3.18
N SER B 167 -6.01 -20.50 -4.43
CA SER B 167 -4.99 -20.02 -5.35
C SER B 167 -4.45 -18.67 -4.91
N LYS B 168 -5.32 -17.78 -4.45
CA LYS B 168 -4.89 -16.44 -4.09
C LYS B 168 -4.20 -16.43 -2.73
N GLY B 169 -4.61 -17.30 -1.81
CA GLY B 169 -3.87 -17.48 -0.57
C GLY B 169 -2.47 -18.00 -0.82
N GLY B 170 -2.30 -18.82 -1.85
CA GLY B 170 -0.96 -19.26 -2.20
C GLY B 170 -0.10 -18.10 -2.69
N VAL B 171 -0.68 -17.19 -3.50
CA VAL B 171 0.06 -16.03 -3.96
C VAL B 171 0.49 -15.18 -2.77
N VAL B 172 -0.42 -14.93 -1.84
CA VAL B 172 -0.08 -14.21 -0.61
C VAL B 172 1.05 -14.94 0.13
N GLY B 173 0.88 -16.24 0.37
CA GLY B 173 1.84 -16.96 1.21
C GLY B 173 3.25 -16.95 0.65
N MET B 174 3.39 -17.00 -0.68
CA MET B 174 4.73 -17.06 -1.24
C MET B 174 5.39 -15.69 -1.37
N THR B 175 4.67 -14.59 -1.11
CA THR B 175 5.23 -13.27 -1.35
C THR B 175 6.49 -13.01 -0.50
N LEU B 176 6.37 -13.23 0.82
CA LEU B 176 7.51 -12.99 1.71
C LEU B 176 8.71 -13.91 1.41
N PRO B 177 8.55 -15.24 1.33
CA PRO B 177 9.74 -16.07 1.06
C PRO B 177 10.40 -15.70 -0.23
N ILE B 178 9.64 -15.35 -1.28
CA ILE B 178 10.27 -14.99 -2.54
C ILE B 178 10.99 -13.65 -2.42
N ALA B 179 10.39 -12.68 -1.74
CA ALA B 179 11.10 -11.42 -1.50
C ALA B 179 12.40 -11.67 -0.75
N ARG B 180 12.37 -12.55 0.25
CA ARG B 180 13.58 -12.86 0.99
C ARG B 180 14.61 -13.54 0.09
N ASP B 181 14.13 -14.46 -0.77
CA ASP B 181 14.99 -15.24 -1.65
C ASP B 181 15.70 -14.36 -2.66
N LEU B 182 14.99 -13.37 -3.22
CA LEU B 182 15.52 -12.50 -4.28
C LEU B 182 16.18 -11.24 -3.75
N ALA B 183 16.19 -11.04 -2.42
CA ALA B 183 16.69 -9.79 -1.85
C ALA B 183 18.13 -9.52 -2.23
N SER B 184 19.00 -10.53 -2.17
CA SER B 184 20.41 -10.26 -2.45
C SER B 184 20.64 -9.89 -3.91
N LYS B 185 19.72 -10.26 -4.82
CA LYS B 185 19.79 -9.87 -6.22
C LYS B 185 19.08 -8.55 -6.50
N LEU B 186 18.56 -7.88 -5.46
CA LEU B 186 18.01 -6.53 -5.59
C LEU B 186 16.72 -6.54 -6.41
N ILE B 187 15.85 -7.51 -6.16
CA ILE B 187 14.56 -7.61 -6.80
C ILE B 187 13.50 -7.61 -5.71
N ARG B 188 12.60 -6.62 -5.72
CA ARG B 188 11.49 -6.57 -4.79
C ARG B 188 10.33 -7.39 -5.30
N VAL B 189 9.50 -7.88 -4.37
CA VAL B 189 8.33 -8.68 -4.71
C VAL B 189 7.19 -8.19 -3.82
N VAL B 190 6.11 -7.70 -4.44
CA VAL B 190 4.96 -7.14 -3.73
C VAL B 190 3.69 -7.69 -4.35
N THR B 191 2.65 -7.88 -3.54
CA THR B 191 1.39 -8.40 -4.03
C THR B 191 0.27 -7.41 -3.72
N ILE B 192 -0.61 -7.20 -4.71
CA ILE B 192 -1.81 -6.39 -4.51
C ILE B 192 -2.97 -7.34 -4.38
N ALA B 193 -3.88 -7.09 -3.42
CA ALA B 193 -5.09 -7.88 -3.22
C ALA B 193 -6.28 -7.01 -3.57
N PRO B 194 -6.75 -7.00 -4.83
CA PRO B 194 -7.88 -6.15 -5.20
CA PRO B 194 -7.87 -6.13 -5.18
C PRO B 194 -9.17 -6.63 -4.59
N GLY B 195 -10.04 -5.66 -4.29
CA GLY B 195 -11.44 -5.91 -4.04
C GLY B 195 -12.17 -5.93 -5.38
N LEU B 196 -13.35 -5.35 -5.42
CA LEU B 196 -14.23 -5.44 -6.59
C LEU B 196 -13.87 -4.38 -7.62
N PHE B 197 -13.48 -4.80 -8.82
CA PHE B 197 -13.08 -3.91 -9.91
C PHE B 197 -13.94 -4.15 -11.13
N ASP B 198 -14.22 -3.08 -11.86
CA ASP B 198 -15.05 -3.14 -13.06
C ASP B 198 -14.17 -3.59 -14.22
N THR B 199 -14.13 -4.90 -14.43
CA THR B 199 -13.39 -5.49 -15.52
C THR B 199 -14.25 -6.55 -16.19
N PRO B 200 -13.81 -7.06 -17.35
CA PRO B 200 -14.52 -8.18 -17.97
C PRO B 200 -14.62 -9.43 -17.09
N LEU B 201 -13.82 -9.53 -16.03
CA LEU B 201 -13.99 -10.65 -15.09
C LEU B 201 -15.41 -10.69 -14.54
N LEU B 202 -16.04 -9.54 -14.37
CA LEU B 202 -17.42 -9.46 -13.89
C LEU B 202 -18.44 -9.41 -15.01
N ALA B 203 -18.09 -9.89 -16.20
CA ALA B 203 -19.05 -9.93 -17.29
C ALA B 203 -20.13 -10.99 -17.01
N ALA B 209 -27.06 -5.46 -11.18
CA ALA B 209 -26.37 -6.36 -10.25
C ALA B 209 -24.98 -5.84 -9.89
N LYS B 210 -24.29 -5.23 -10.88
CA LYS B 210 -23.00 -4.62 -10.58
C LYS B 210 -23.14 -3.31 -9.85
N ALA B 211 -24.26 -2.61 -10.04
CA ALA B 211 -24.52 -1.39 -9.29
C ALA B 211 -24.71 -1.70 -7.80
N SER B 212 -25.47 -2.77 -7.50
CA SER B 212 -25.71 -3.13 -6.11
C SER B 212 -24.45 -3.69 -5.46
N LEU B 213 -23.63 -4.40 -6.23
CA LEU B 213 -22.35 -4.86 -5.74
C LEU B 213 -21.50 -3.67 -5.29
N GLY B 214 -21.41 -2.63 -6.14
CA GLY B 214 -20.66 -1.46 -5.77
C GLY B 214 -21.19 -0.76 -4.53
N GLN B 215 -22.51 -0.83 -4.31
CA GLN B 215 -23.10 -0.18 -3.14
C GLN B 215 -22.61 -0.78 -1.84
N GLN B 216 -22.15 -2.04 -1.86
CA GLN B 216 -21.66 -2.70 -0.67
C GLN B 216 -20.23 -2.31 -0.34
N VAL B 217 -19.54 -1.59 -1.20
CA VAL B 217 -18.19 -1.13 -0.87
C VAL B 217 -18.32 0.09 0.04
N PRO B 218 -17.69 0.10 1.22
CA PRO B 218 -17.89 1.25 2.13
C PRO B 218 -17.61 2.60 1.50
N HIS B 219 -16.42 2.82 0.97
CA HIS B 219 -16.10 4.11 0.37
C HIS B 219 -14.78 3.96 -0.39
N PRO B 220 -14.73 4.27 -1.69
CA PRO B 220 -15.85 4.75 -2.52
CA PRO B 220 -15.82 4.74 -2.56
C PRO B 220 -16.84 3.64 -2.82
N SER B 221 -18.13 3.98 -2.77
CA SER B 221 -19.18 2.98 -2.90
CA SER B 221 -19.18 2.98 -2.90
C SER B 221 -19.47 2.71 -4.38
N ARG B 222 -18.50 2.09 -5.03
CA ARG B 222 -18.57 1.74 -6.45
C ARG B 222 -17.54 0.66 -6.71
N LEU B 223 -17.62 0.04 -7.89
CA LEU B 223 -16.54 -0.81 -8.36
C LEU B 223 -15.28 0.00 -8.58
N GLY B 224 -14.15 -0.63 -8.33
CA GLY B 224 -12.88 -0.01 -8.64
C GLY B 224 -12.70 0.22 -10.13
N ASN B 225 -12.03 1.31 -10.46
CA ASN B 225 -11.59 1.56 -11.82
C ASN B 225 -10.24 0.89 -12.03
N PRO B 226 -10.06 0.07 -13.07
CA PRO B 226 -8.75 -0.57 -13.28
C PRO B 226 -7.56 0.38 -13.23
N ASP B 227 -7.74 1.63 -13.64
CA ASP B 227 -6.64 2.59 -13.55
C ASP B 227 -6.13 2.77 -12.13
N GLU B 228 -6.98 2.57 -11.10
CA GLU B 228 -6.53 2.72 -9.71
C GLU B 228 -5.60 1.57 -9.32
N TYR B 229 -5.83 0.39 -9.89
CA TYR B 229 -4.88 -0.70 -9.73
C TYR B 229 -3.56 -0.36 -10.42
N GLY B 230 -3.63 0.12 -11.67
CA GLY B 230 -2.41 0.50 -12.36
C GLY B 230 -1.63 1.57 -11.62
N ALA B 231 -2.34 2.54 -11.01
CA ALA B 231 -1.66 3.59 -10.25
C ALA B 231 -0.87 3.00 -9.07
N LEU B 232 -1.47 2.01 -8.38
CA LEU B 232 -0.75 1.39 -7.28
C LEU B 232 0.47 0.62 -7.77
N VAL B 233 0.35 -0.09 -8.91
CA VAL B 233 1.51 -0.75 -9.48
C VAL B 233 2.65 0.25 -9.68
N LEU B 234 2.34 1.40 -10.30
CA LEU B 234 3.39 2.37 -10.54
C LEU B 234 3.97 2.92 -9.24
N HIS B 235 3.14 3.11 -8.21
CA HIS B 235 3.70 3.57 -6.95
C HIS B 235 4.66 2.53 -6.37
N ILE B 236 4.29 1.24 -6.42
CA ILE B 236 5.19 0.20 -5.94
C ILE B 236 6.51 0.27 -6.68
N ILE B 237 6.47 0.44 -8.01
CA ILE B 237 7.71 0.53 -8.78
C ILE B 237 8.56 1.67 -8.29
N GLU B 238 7.92 2.81 -8.00
CA GLU B 238 8.64 4.03 -7.64
C GLU B 238 9.00 4.15 -6.16
N ASN B 239 8.53 3.26 -5.29
CA ASN B 239 8.78 3.38 -3.86
C ASN B 239 9.69 2.25 -3.43
N PRO B 240 10.99 2.50 -3.25
CA PRO B 240 11.94 1.39 -2.98
C PRO B 240 11.66 0.64 -1.70
N MET B 241 10.94 1.22 -0.73
CA MET B 241 10.75 0.54 0.55
C MET B 241 9.61 -0.45 0.55
N LEU B 242 8.75 -0.50 -0.47
CA LEU B 242 7.68 -1.49 -0.49
C LEU B 242 8.21 -2.84 -0.93
N ASN B 243 8.17 -3.83 -0.05
CA ASN B 243 8.74 -5.14 -0.39
C ASN B 243 8.17 -6.18 0.57
N GLY B 244 7.84 -7.36 0.03
CA GLY B 244 7.43 -8.47 0.86
C GLY B 244 6.08 -8.32 1.49
N GLU B 245 5.24 -7.45 0.95
CA GLU B 245 3.97 -7.04 1.54
C GLU B 245 2.83 -7.31 0.57
N VAL B 246 1.65 -7.48 1.16
CA VAL B 246 0.39 -7.58 0.42
C VAL B 246 -0.43 -6.35 0.76
N ILE B 247 -0.96 -5.67 -0.25
CA ILE B 247 -1.73 -4.44 -0.07
C ILE B 247 -3.15 -4.67 -0.55
N ARG B 248 -4.13 -4.56 0.35
CA ARG B 248 -5.54 -4.62 -0.05
C ARG B 248 -5.93 -3.29 -0.72
N LEU B 249 -6.59 -3.39 -1.89
CA LEU B 249 -7.00 -2.24 -2.68
C LEU B 249 -8.49 -2.43 -2.92
N ASP B 250 -9.33 -1.94 -1.99
CA ASP B 250 -10.67 -2.52 -1.87
C ASP B 250 -11.73 -1.61 -1.29
N GLY B 251 -11.49 -0.30 -1.12
CA GLY B 251 -12.56 0.55 -0.59
C GLY B 251 -13.03 0.18 0.80
N ALA B 252 -12.20 -0.54 1.56
CA ALA B 252 -12.51 -0.99 2.92
C ALA B 252 -13.53 -2.11 2.97
N ILE B 253 -13.88 -2.75 1.84
CA ILE B 253 -14.84 -3.84 1.90
C ILE B 253 -14.26 -5.03 2.65
N ARG B 254 -15.13 -5.82 3.27
CA ARG B 254 -14.78 -7.15 3.74
C ARG B 254 -15.87 -8.07 3.20
N MET B 255 -15.49 -9.09 2.46
CA MET B 255 -16.52 -9.87 1.76
C MET B 255 -17.24 -10.80 2.73
N ALA B 256 -18.58 -10.73 2.70
CA ALA B 256 -19.43 -11.57 3.53
C ALA B 256 -19.55 -12.96 2.92
N PRO B 257 -20.16 -13.92 3.64
CA PRO B 257 -20.23 -15.29 3.07
C PRO B 257 -20.89 -15.33 1.70
N ARG B 258 -21.89 -14.50 1.49
CA ARG B 258 -22.56 -14.37 0.18
C ARG B 258 -22.59 -12.90 -0.24
#